data_1PC0
#
_entry.id   1PC0
#
_entity_poly.entity_id   1
_entity_poly.type   'polypeptide(L)'
_entity_poly.pdbx_seq_one_letter_code
;GLMVEVVESPNHSEVGIKGEVVDETQNTLKIMTEKGLKVVAKRGRTFRVWYKGKIMRIKGD
;
_entity_poly.pdbx_strand_id   A
#
# COMPACT_ATOMS: atom_id res chain seq x y z
N GLY A 1 -10.37 -9.07 3.74
CA GLY A 1 -10.69 -7.72 4.15
C GLY A 1 -9.48 -6.79 4.04
N LEU A 2 -8.62 -7.07 3.07
CA LEU A 2 -7.42 -6.28 2.85
C LEU A 2 -7.76 -4.92 2.29
N MET A 3 -8.27 -4.02 3.14
CA MET A 3 -8.60 -2.66 2.71
C MET A 3 -7.49 -1.75 3.14
N VAL A 4 -6.88 -1.04 2.22
CA VAL A 4 -5.75 -0.19 2.56
C VAL A 4 -5.82 1.18 1.90
N GLU A 5 -5.21 2.17 2.52
CA GLU A 5 -5.10 3.49 1.92
C GLU A 5 -3.65 3.58 1.52
N VAL A 6 -3.34 3.80 0.25
CA VAL A 6 -1.94 3.79 -0.14
C VAL A 6 -1.45 4.98 -0.93
N VAL A 7 -0.25 5.41 -0.57
CA VAL A 7 0.41 6.46 -1.31
C VAL A 7 1.77 5.91 -1.76
N GLU A 8 1.91 5.83 -3.07
CA GLU A 8 3.11 5.33 -3.72
C GLU A 8 3.37 6.04 -5.05
N SER A 9 4.49 5.66 -5.67
CA SER A 9 4.92 6.21 -6.96
C SER A 9 5.80 7.44 -6.77
N PRO A 10 6.95 7.50 -7.50
CA PRO A 10 7.89 8.62 -7.41
C PRO A 10 7.23 9.96 -7.66
N ASN A 11 6.60 10.52 -6.62
CA ASN A 11 5.93 11.81 -6.72
C ASN A 11 5.25 12.17 -5.40
N HIS A 12 5.02 13.46 -5.19
CA HIS A 12 4.37 13.93 -3.97
C HIS A 12 3.03 13.25 -3.77
N SER A 13 2.43 12.76 -4.86
CA SER A 13 1.15 12.08 -4.80
C SER A 13 0.73 11.57 -6.18
N GLU A 14 1.60 10.78 -6.80
CA GLU A 14 1.30 10.21 -8.11
C GLU A 14 0.13 9.23 -8.03
N VAL A 15 0.33 8.09 -7.38
CA VAL A 15 -0.74 7.12 -7.23
C VAL A 15 -1.06 6.94 -5.76
N GLY A 16 -1.94 7.77 -5.25
CA GLY A 16 -2.35 7.65 -3.88
C GLY A 16 -3.83 7.72 -3.84
N ILE A 17 -4.43 6.65 -3.44
CA ILE A 17 -5.84 6.61 -3.36
C ILE A 17 -6.32 5.53 -2.44
N LYS A 18 -7.60 5.44 -2.36
CA LYS A 18 -8.22 4.39 -1.58
C LYS A 18 -8.04 3.16 -2.46
N GLY A 19 -7.38 2.15 -1.94
CA GLY A 19 -7.09 0.99 -2.76
C GLY A 19 -7.14 -0.33 -2.03
N GLU A 20 -6.92 -1.39 -2.81
CA GLU A 20 -6.94 -2.74 -2.27
C GLU A 20 -5.53 -3.32 -2.18
N VAL A 21 -5.30 -4.21 -1.20
CA VAL A 21 -3.98 -4.80 -1.02
C VAL A 21 -3.99 -6.32 -1.18
N VAL A 22 -2.89 -6.76 -1.75
CA VAL A 22 -2.62 -8.16 -1.99
C VAL A 22 -1.23 -8.51 -1.46
N ASP A 23 -1.13 -9.67 -0.83
CA ASP A 23 0.13 -10.14 -0.27
C ASP A 23 0.53 -9.32 0.95
N GLU A 24 -0.16 -9.53 2.07
CA GLU A 24 0.12 -8.83 3.30
C GLU A 24 1.22 -9.52 4.09
N THR A 25 1.12 -10.85 4.18
CA THR A 25 2.10 -11.65 4.90
C THR A 25 2.69 -12.75 4.01
N GLN A 26 2.22 -12.83 2.77
CA GLN A 26 2.71 -13.84 1.84
C GLN A 26 4.18 -13.60 1.52
N ASN A 27 4.46 -12.52 0.81
CA ASN A 27 5.84 -12.18 0.43
C ASN A 27 6.01 -10.68 0.32
N THR A 28 5.82 -10.13 -0.88
CA THR A 28 5.94 -8.70 -1.11
C THR A 28 4.56 -8.06 -0.96
N LEU A 29 4.51 -6.73 -1.03
CA LEU A 29 3.23 -6.05 -0.90
C LEU A 29 2.89 -5.27 -2.16
N LYS A 30 1.73 -5.56 -2.74
CA LYS A 30 1.29 -4.87 -3.94
C LYS A 30 -0.03 -4.18 -3.67
N ILE A 31 -0.10 -2.88 -3.90
CA ILE A 31 -1.35 -2.16 -3.64
C ILE A 31 -1.75 -1.28 -4.82
N MET A 32 -3.05 -1.19 -5.08
CA MET A 32 -3.52 -0.36 -6.19
C MET A 32 -4.53 0.67 -5.69
N THR A 33 -4.28 1.97 -6.01
CA THR A 33 -5.18 3.01 -5.56
C THR A 33 -6.07 3.50 -6.71
N GLU A 34 -5.61 4.49 -7.47
CA GLU A 34 -6.39 5.01 -8.59
C GLU A 34 -5.49 5.34 -9.77
N LYS A 35 -4.45 6.13 -9.53
CA LYS A 35 -3.53 6.48 -10.60
C LYS A 35 -2.85 5.23 -11.14
N GLY A 36 -2.96 4.12 -10.40
CA GLY A 36 -2.37 2.88 -10.84
C GLY A 36 -2.04 1.95 -9.69
N LEU A 37 -1.27 0.92 -9.97
CA LEU A 37 -0.86 -0.06 -8.98
C LEU A 37 0.66 -0.16 -8.92
N LYS A 38 1.20 -0.16 -7.71
CA LYS A 38 2.63 -0.26 -7.51
C LYS A 38 2.98 -1.41 -6.57
N VAL A 39 4.14 -2.02 -6.82
CA VAL A 39 4.61 -3.13 -5.99
C VAL A 39 5.93 -2.79 -5.34
N VAL A 40 5.97 -2.93 -4.02
CA VAL A 40 7.18 -2.64 -3.25
C VAL A 40 7.34 -3.59 -2.08
N ALA A 41 8.46 -3.45 -1.39
CA ALA A 41 8.78 -4.28 -0.23
C ALA A 41 8.59 -3.47 1.05
N LYS A 42 8.76 -4.12 2.20
CA LYS A 42 8.60 -3.46 3.50
C LYS A 42 9.12 -2.01 3.47
N ARG A 43 10.15 -1.77 2.68
CA ARG A 43 10.73 -0.43 2.57
C ARG A 43 10.45 0.16 1.19
N GLY A 44 9.59 1.17 1.15
CA GLY A 44 9.25 1.82 -0.11
C GLY A 44 7.91 2.53 -0.05
N ARG A 45 7.89 3.82 -0.40
CA ARG A 45 6.67 4.60 -0.37
C ARG A 45 6.02 4.51 1.01
N THR A 46 4.84 5.09 1.17
CA THR A 46 4.15 5.02 2.46
C THR A 46 2.77 4.43 2.30
N PHE A 47 2.49 3.35 3.02
CA PHE A 47 1.18 2.72 2.94
C PHE A 47 0.63 2.36 4.34
N ARG A 48 -0.69 2.39 4.49
CA ARG A 48 -1.33 2.03 5.76
C ARG A 48 -2.33 0.92 5.48
N VAL A 49 -2.20 -0.23 6.17
CA VAL A 49 -3.08 -1.36 5.91
C VAL A 49 -4.01 -1.71 7.08
N TRP A 50 -5.25 -2.07 6.69
CA TRP A 50 -6.29 -2.49 7.61
C TRP A 50 -6.81 -3.89 7.22
N TYR A 51 -6.78 -4.80 8.19
CA TYR A 51 -7.24 -6.16 7.98
C TYR A 51 -8.39 -6.46 8.94
N LYS A 52 -8.98 -7.65 8.82
CA LYS A 52 -10.09 -8.05 9.68
C LYS A 52 -9.59 -8.44 11.08
N GLY A 53 -8.29 -8.27 11.33
CA GLY A 53 -7.74 -8.61 12.63
C GLY A 53 -7.22 -7.40 13.38
N LYS A 54 -6.37 -6.62 12.71
CA LYS A 54 -5.81 -5.42 13.33
C LYS A 54 -5.37 -4.41 12.27
N ILE A 55 -4.81 -3.29 12.71
CA ILE A 55 -4.36 -2.25 11.81
C ILE A 55 -2.89 -1.90 12.05
N MET A 56 -2.11 -1.86 10.97
CA MET A 56 -0.69 -1.53 11.07
C MET A 56 -0.28 -0.52 10.00
N ARG A 57 0.78 0.24 10.27
CA ARG A 57 1.26 1.25 9.33
C ARG A 57 2.72 1.00 8.98
N ILE A 58 3.02 0.99 7.68
CA ILE A 58 4.39 0.75 7.23
C ILE A 58 4.89 1.89 6.34
N LYS A 59 6.02 2.47 6.73
CA LYS A 59 6.62 3.57 5.97
C LYS A 59 8.08 3.27 5.66
N GLY A 60 8.48 3.51 4.41
CA GLY A 60 9.85 3.26 4.00
C GLY A 60 10.76 4.45 4.28
N ASP A 61 11.97 4.16 4.74
CA ASP A 61 12.93 5.22 5.05
C ASP A 61 12.41 6.12 6.16
N GLY A 1 -10.36 -8.96 3.89
CA GLY A 1 -10.56 -7.68 4.55
C GLY A 1 -9.37 -6.76 4.42
N LEU A 2 -8.51 -7.04 3.43
CA LEU A 2 -7.32 -6.23 3.19
C LEU A 2 -7.68 -4.90 2.52
N MET A 3 -8.32 -4.01 3.28
CA MET A 3 -8.72 -2.70 2.76
C MET A 3 -7.84 -1.65 3.38
N VAL A 4 -7.21 -0.81 2.57
CA VAL A 4 -6.30 0.17 3.11
C VAL A 4 -6.34 1.50 2.36
N GLU A 5 -5.59 2.46 2.88
CA GLU A 5 -5.43 3.76 2.24
C GLU A 5 -3.94 3.85 1.97
N VAL A 6 -3.53 4.05 0.73
CA VAL A 6 -2.10 4.03 0.45
C VAL A 6 -1.55 5.18 -0.36
N VAL A 7 -0.33 5.56 -0.01
CA VAL A 7 0.43 6.55 -0.74
C VAL A 7 1.77 5.91 -1.14
N GLU A 8 1.99 5.84 -2.44
CA GLU A 8 3.20 5.26 -3.00
C GLU A 8 3.60 6.00 -4.28
N SER A 9 4.72 5.59 -4.85
CA SER A 9 5.22 6.20 -6.09
C SER A 9 5.67 7.64 -5.86
N PRO A 10 6.99 7.86 -5.72
CA PRO A 10 7.54 9.21 -5.52
C PRO A 10 7.18 10.14 -6.68
N ASN A 11 6.79 9.54 -7.80
CA ASN A 11 6.41 10.28 -9.00
C ASN A 11 5.67 11.58 -8.67
N HIS A 12 5.79 12.57 -9.56
CA HIS A 12 5.11 13.85 -9.36
C HIS A 12 3.62 13.61 -9.13
N SER A 13 3.01 12.87 -10.05
CA SER A 13 1.60 12.53 -9.94
C SER A 13 1.47 11.17 -9.28
N GLU A 14 2.10 11.05 -8.11
CA GLU A 14 2.10 9.80 -7.35
C GLU A 14 0.72 9.14 -7.31
N VAL A 15 0.70 7.92 -6.79
CA VAL A 15 -0.53 7.14 -6.68
C VAL A 15 -0.92 7.02 -5.22
N GLY A 16 -1.85 7.84 -4.79
CA GLY A 16 -2.33 7.74 -3.45
C GLY A 16 -3.82 7.77 -3.49
N ILE A 17 -4.42 6.70 -3.10
CA ILE A 17 -5.84 6.64 -3.11
C ILE A 17 -6.35 5.55 -2.22
N LYS A 18 -7.64 5.42 -2.21
CA LYS A 18 -8.26 4.37 -1.46
C LYS A 18 -7.98 3.13 -2.30
N GLY A 19 -7.32 2.15 -1.72
CA GLY A 19 -6.93 0.99 -2.49
C GLY A 19 -6.97 -0.31 -1.74
N GLU A 20 -6.65 -1.38 -2.46
CA GLU A 20 -6.64 -2.72 -1.89
C GLU A 20 -5.22 -3.26 -1.79
N VAL A 21 -4.98 -4.11 -0.78
CA VAL A 21 -3.65 -4.69 -0.59
C VAL A 21 -3.66 -6.21 -0.65
N VAL A 22 -2.84 -6.72 -1.55
CA VAL A 22 -2.70 -8.15 -1.73
C VAL A 22 -1.22 -8.53 -1.82
N ASP A 23 -0.93 -9.73 -1.37
CA ASP A 23 0.43 -10.26 -1.40
C ASP A 23 0.68 -11.01 -2.70
N GLU A 24 1.26 -10.32 -3.68
CA GLU A 24 1.52 -10.89 -5.00
C GLU A 24 2.07 -12.32 -4.90
N THR A 25 2.91 -12.58 -3.91
CA THR A 25 3.50 -13.90 -3.74
C THR A 25 3.78 -14.20 -2.27
N GLN A 26 2.85 -13.83 -1.40
CA GLN A 26 3.01 -14.07 0.04
C GLN A 26 4.41 -13.68 0.51
N ASN A 27 4.78 -12.43 0.27
CA ASN A 27 6.09 -11.93 0.67
C ASN A 27 6.18 -10.43 0.47
N THR A 28 6.12 -10.01 -0.79
CA THR A 28 6.15 -8.58 -1.12
C THR A 28 4.74 -8.02 -1.03
N LEU A 29 4.63 -6.71 -0.85
CA LEU A 29 3.30 -6.11 -0.73
C LEU A 29 2.96 -5.26 -1.95
N LYS A 30 1.83 -5.58 -2.58
CA LYS A 30 1.39 -4.82 -3.74
C LYS A 30 0.09 -4.12 -3.41
N ILE A 31 0.06 -2.81 -3.57
CA ILE A 31 -1.13 -2.03 -3.26
C ILE A 31 -1.53 -1.16 -4.43
N MET A 32 -2.82 -1.11 -4.73
CA MET A 32 -3.29 -0.29 -5.85
C MET A 32 -4.34 0.71 -5.38
N THR A 33 -4.14 2.01 -5.71
CA THR A 33 -5.08 3.03 -5.30
C THR A 33 -5.92 3.52 -6.48
N GLU A 34 -5.43 4.53 -7.20
CA GLU A 34 -6.15 5.07 -8.35
C GLU A 34 -5.21 5.38 -9.50
N LYS A 35 -4.18 6.19 -9.25
CA LYS A 35 -3.23 6.51 -10.29
C LYS A 35 -2.59 5.25 -10.85
N GLY A 36 -2.72 4.15 -10.10
CA GLY A 36 -2.16 2.89 -10.52
C GLY A 36 -1.84 1.98 -9.34
N LEU A 37 -1.02 0.97 -9.61
CA LEU A 37 -0.63 0.02 -8.58
C LEU A 37 0.89 -0.08 -8.52
N LYS A 38 1.44 -0.10 -7.32
CA LYS A 38 2.87 -0.21 -7.13
C LYS A 38 3.20 -1.36 -6.17
N VAL A 39 4.35 -1.98 -6.41
CA VAL A 39 4.79 -3.10 -5.57
C VAL A 39 6.13 -2.79 -4.92
N VAL A 40 6.18 -2.96 -3.60
CA VAL A 40 7.40 -2.71 -2.85
C VAL A 40 7.72 -3.86 -1.90
N ALA A 41 9.00 -4.07 -1.67
CA ALA A 41 9.47 -5.13 -0.77
C ALA A 41 10.41 -4.57 0.28
N LYS A 42 10.17 -4.92 1.54
CA LYS A 42 11.00 -4.45 2.64
C LYS A 42 10.89 -2.93 2.81
N ARG A 43 9.70 -2.46 3.18
CA ARG A 43 9.47 -1.04 3.39
C ARG A 43 9.62 -0.24 2.09
N GLY A 44 9.36 1.06 2.19
CA GLY A 44 9.45 1.95 1.05
C GLY A 44 8.52 3.15 1.18
N ARG A 45 7.48 3.19 0.34
CA ARG A 45 6.50 4.26 0.39
C ARG A 45 5.85 4.32 1.77
N THR A 46 4.71 5.00 1.88
CA THR A 46 4.01 5.09 3.14
C THR A 46 2.59 4.58 2.97
N PHE A 47 2.21 3.57 3.74
CA PHE A 47 0.87 3.02 3.62
C PHE A 47 0.23 2.76 5.00
N ARG A 48 -1.09 2.73 5.02
CA ARG A 48 -1.86 2.44 6.23
C ARG A 48 -2.79 1.28 5.92
N VAL A 49 -2.73 0.20 6.70
CA VAL A 49 -3.55 -0.97 6.42
C VAL A 49 -4.58 -1.32 7.51
N TRP A 50 -5.77 -1.69 7.05
CA TRP A 50 -6.87 -2.10 7.90
C TRP A 50 -7.36 -3.49 7.47
N TYR A 51 -7.37 -4.42 8.42
CA TYR A 51 -7.80 -5.78 8.16
C TYR A 51 -8.88 -6.21 9.15
N LYS A 52 -9.59 -7.29 8.83
CA LYS A 52 -10.65 -7.79 9.70
C LYS A 52 -10.06 -8.38 10.97
N GLY A 53 -9.46 -7.52 11.80
CA GLY A 53 -8.87 -7.98 13.04
C GLY A 53 -8.18 -6.85 13.78
N LYS A 54 -7.56 -5.94 13.05
CA LYS A 54 -6.85 -4.81 13.67
C LYS A 54 -6.39 -3.81 12.61
N ILE A 55 -5.96 -2.64 13.09
CA ILE A 55 -5.49 -1.58 12.21
C ILE A 55 -4.08 -1.13 12.59
N MET A 56 -3.17 -1.12 11.62
CA MET A 56 -1.80 -0.71 11.86
C MET A 56 -1.29 0.22 10.75
N ARG A 57 -0.25 0.99 11.04
CA ARG A 57 0.31 1.90 10.05
C ARG A 57 1.81 1.64 9.87
N ILE A 58 2.23 1.47 8.62
CA ILE A 58 3.64 1.21 8.32
C ILE A 58 4.20 2.24 7.34
N LYS A 59 5.28 2.90 7.75
CA LYS A 59 5.92 3.90 6.90
C LYS A 59 7.41 3.61 6.73
N GLY A 60 7.89 3.68 5.49
CA GLY A 60 9.29 3.42 5.22
C GLY A 60 10.05 4.69 4.88
N ASP A 61 11.26 4.82 5.43
CA ASP A 61 12.07 6.00 5.17
C ASP A 61 13.52 5.76 5.57
N GLY A 1 -8.23 -10.34 1.73
CA GLY A 1 -9.10 -9.40 2.39
C GLY A 1 -8.34 -8.34 3.17
N LEU A 2 -7.86 -7.31 2.47
CA LEU A 2 -7.12 -6.24 3.12
C LEU A 2 -7.43 -4.89 2.45
N MET A 3 -8.04 -3.98 3.23
CA MET A 3 -8.36 -2.66 2.72
C MET A 3 -7.36 -1.68 3.28
N VAL A 4 -6.65 -0.97 2.43
CA VAL A 4 -5.63 -0.06 2.91
C VAL A 4 -5.68 1.29 2.22
N GLU A 5 -5.34 2.35 2.94
CA GLU A 5 -5.25 3.67 2.33
C GLU A 5 -3.78 3.80 2.02
N VAL A 6 -3.41 4.02 0.77
CA VAL A 6 -1.99 4.03 0.48
C VAL A 6 -1.48 5.22 -0.29
N VAL A 7 -0.33 5.72 0.15
CA VAL A 7 0.34 6.78 -0.56
C VAL A 7 1.74 6.28 -0.91
N GLU A 8 1.98 6.18 -2.19
CA GLU A 8 3.26 5.72 -2.72
C GLU A 8 3.58 6.38 -4.05
N SER A 9 4.76 6.06 -4.58
CA SER A 9 5.20 6.61 -5.86
C SER A 9 5.44 8.11 -5.79
N PRO A 10 6.72 8.52 -5.74
CA PRO A 10 7.08 9.95 -5.68
C PRO A 10 6.75 10.67 -6.99
N ASN A 11 6.31 9.89 -7.98
CA ASN A 11 5.94 10.42 -9.30
C ASN A 11 5.25 11.78 -9.20
N HIS A 12 5.32 12.54 -10.29
CA HIS A 12 4.70 13.86 -10.34
C HIS A 12 3.24 13.79 -9.92
N SER A 13 2.51 12.85 -10.51
CA SER A 13 1.09 12.67 -10.21
C SER A 13 0.93 11.89 -8.90
N GLU A 14 1.87 10.99 -8.64
CA GLU A 14 1.84 10.18 -7.42
C GLU A 14 0.59 9.30 -7.38
N VAL A 15 0.70 8.15 -6.74
CA VAL A 15 -0.42 7.23 -6.62
C VAL A 15 -0.82 7.12 -5.16
N GLY A 16 -1.74 7.95 -4.72
CA GLY A 16 -2.21 7.86 -3.38
C GLY A 16 -3.70 7.89 -3.42
N ILE A 17 -4.31 6.83 -3.02
CA ILE A 17 -5.72 6.77 -3.03
C ILE A 17 -6.21 5.70 -2.11
N LYS A 18 -7.50 5.58 -2.06
CA LYS A 18 -8.11 4.53 -1.28
C LYS A 18 -7.88 3.31 -2.16
N GLY A 19 -7.21 2.31 -1.64
CA GLY A 19 -6.86 1.17 -2.47
C GLY A 19 -6.90 -0.16 -1.78
N GLU A 20 -6.64 -1.19 -2.57
CA GLU A 20 -6.62 -2.56 -2.06
C GLU A 20 -5.20 -3.11 -1.98
N VAL A 21 -4.95 -3.99 -1.01
CA VAL A 21 -3.61 -4.56 -0.85
C VAL A 21 -3.60 -6.08 -0.93
N VAL A 22 -2.79 -6.59 -1.86
CA VAL A 22 -2.63 -8.01 -2.06
C VAL A 22 -1.15 -8.37 -2.10
N ASP A 23 -0.78 -9.48 -1.50
CA ASP A 23 0.60 -9.93 -1.47
C ASP A 23 0.91 -10.73 -2.72
N GLU A 24 1.81 -10.21 -3.56
CA GLU A 24 2.20 -10.89 -4.80
C GLU A 24 2.39 -12.38 -4.59
N THR A 25 3.53 -12.75 -4.00
CA THR A 25 3.84 -14.14 -3.73
C THR A 25 4.11 -14.36 -2.24
N GLN A 26 3.30 -13.71 -1.40
CA GLN A 26 3.46 -13.83 0.03
C GLN A 26 4.82 -13.31 0.46
N ASN A 27 5.06 -12.01 0.24
CA ASN A 27 6.33 -11.40 0.59
C ASN A 27 6.35 -9.92 0.22
N THR A 28 6.21 -9.64 -1.08
CA THR A 28 6.19 -8.27 -1.56
C THR A 28 4.78 -7.72 -1.42
N LEU A 29 4.65 -6.40 -1.37
CA LEU A 29 3.32 -5.81 -1.23
C LEU A 29 2.93 -5.00 -2.47
N LYS A 30 1.80 -5.35 -3.04
CA LYS A 30 1.29 -4.66 -4.21
C LYS A 30 0.01 -3.94 -3.84
N ILE A 31 -0.03 -2.63 -4.06
CA ILE A 31 -1.21 -1.86 -3.71
C ILE A 31 -1.69 -1.01 -4.87
N MET A 32 -2.99 -0.91 -5.03
CA MET A 32 -3.55 -0.11 -6.11
C MET A 32 -4.43 0.99 -5.54
N THR A 33 -4.12 2.26 -5.90
CA THR A 33 -4.90 3.37 -5.39
C THR A 33 -5.33 4.34 -6.50
N GLU A 34 -4.53 5.37 -6.77
CA GLU A 34 -4.87 6.36 -7.79
C GLU A 34 -4.33 6.02 -9.17
N LYS A 35 -3.12 6.48 -9.49
CA LYS A 35 -2.51 6.23 -10.79
C LYS A 35 -2.72 4.80 -11.25
N GLY A 36 -2.83 3.87 -10.30
CA GLY A 36 -3.04 2.49 -10.65
C GLY A 36 -2.39 1.52 -9.69
N LEU A 37 -1.74 0.50 -10.26
CA LEU A 37 -1.07 -0.53 -9.48
C LEU A 37 0.43 -0.30 -9.39
N LYS A 38 0.93 -0.25 -8.17
CA LYS A 38 2.35 -0.07 -7.90
C LYS A 38 2.85 -1.15 -6.95
N VAL A 39 4.04 -1.68 -7.23
CA VAL A 39 4.61 -2.72 -6.39
C VAL A 39 5.85 -2.24 -5.65
N VAL A 40 5.84 -2.43 -4.33
CA VAL A 40 6.96 -2.01 -3.48
C VAL A 40 7.17 -3.01 -2.34
N ALA A 41 8.23 -2.77 -1.57
CA ALA A 41 8.56 -3.63 -0.43
C ALA A 41 8.05 -3.01 0.88
N LYS A 42 8.21 -3.75 1.97
CA LYS A 42 7.76 -3.28 3.28
C LYS A 42 8.22 -1.84 3.54
N ARG A 43 9.34 -1.46 2.94
CA ARG A 43 9.88 -0.12 3.12
C ARG A 43 9.80 0.69 1.82
N GLY A 44 9.96 2.00 1.94
CA GLY A 44 9.90 2.86 0.77
C GLY A 44 8.77 3.88 0.85
N ARG A 45 7.58 3.45 0.46
CA ARG A 45 6.41 4.33 0.49
C ARG A 45 5.79 4.37 1.88
N THR A 46 4.69 5.10 2.02
CA THR A 46 4.02 5.20 3.31
C THR A 46 2.57 4.76 3.17
N PHE A 47 2.16 3.78 3.94
CA PHE A 47 0.78 3.29 3.86
C PHE A 47 0.19 2.99 5.25
N ARG A 48 -1.12 2.90 5.30
CA ARG A 48 -1.86 2.56 6.52
C ARG A 48 -2.74 1.35 6.20
N VAL A 49 -2.59 0.26 6.95
CA VAL A 49 -3.35 -0.95 6.64
C VAL A 49 -4.46 -1.28 7.64
N TRP A 50 -5.58 -1.72 7.08
CA TRP A 50 -6.75 -2.15 7.83
C TRP A 50 -7.13 -3.58 7.45
N TYR A 51 -7.20 -4.43 8.47
CA TYR A 51 -7.56 -5.83 8.29
C TYR A 51 -8.81 -6.16 9.10
N LYS A 52 -9.49 -7.23 8.73
CA LYS A 52 -10.70 -7.64 9.43
C LYS A 52 -10.37 -8.13 10.84
N GLY A 53 -9.91 -7.21 11.68
CA GLY A 53 -9.56 -7.57 13.04
C GLY A 53 -8.84 -6.45 13.77
N LYS A 54 -7.80 -5.89 13.15
CA LYS A 54 -7.03 -4.81 13.76
C LYS A 54 -6.46 -3.87 12.69
N ILE A 55 -5.97 -2.71 13.13
CA ILE A 55 -5.40 -1.73 12.23
C ILE A 55 -4.00 -1.30 12.68
N MET A 56 -3.08 -1.18 11.74
CA MET A 56 -1.70 -0.77 12.04
C MET A 56 -1.20 0.23 11.01
N ARG A 57 -0.16 0.99 11.37
CA ARG A 57 0.40 1.98 10.47
C ARG A 57 1.85 1.62 10.12
N ILE A 58 2.17 1.61 8.83
CA ILE A 58 3.53 1.27 8.41
C ILE A 58 4.14 2.37 7.54
N LYS A 59 5.29 2.87 7.96
CA LYS A 59 5.99 3.92 7.21
C LYS A 59 7.42 3.50 6.88
N GLY A 60 7.76 3.54 5.60
CA GLY A 60 9.10 3.15 5.19
C GLY A 60 9.86 4.30 4.54
N ASP A 61 11.11 4.47 4.93
CA ASP A 61 11.95 5.54 4.39
C ASP A 61 11.37 6.91 4.72
N GLY A 1 -10.75 -8.33 2.17
CA GLY A 1 -9.91 -8.85 3.24
C GLY A 1 -8.80 -7.90 3.62
N LEU A 2 -8.26 -7.20 2.62
CA LEU A 2 -7.16 -6.26 2.84
C LEU A 2 -7.49 -4.91 2.21
N MET A 3 -8.07 -4.01 3.00
CA MET A 3 -8.41 -2.67 2.51
C MET A 3 -7.41 -1.70 3.07
N VAL A 4 -6.73 -0.97 2.21
CA VAL A 4 -5.69 -0.05 2.67
C VAL A 4 -5.79 1.33 2.03
N GLU A 5 -5.41 2.36 2.77
CA GLU A 5 -5.33 3.71 2.19
C GLU A 5 -3.86 3.88 1.93
N VAL A 6 -3.46 4.14 0.69
CA VAL A 6 -2.02 4.19 0.44
C VAL A 6 -1.53 5.36 -0.38
N VAL A 7 -0.32 5.78 -0.04
CA VAL A 7 0.39 6.79 -0.79
C VAL A 7 1.74 6.20 -1.19
N GLU A 8 1.95 6.11 -2.49
CA GLU A 8 3.18 5.55 -3.05
C GLU A 8 3.55 6.24 -4.36
N SER A 9 4.69 5.82 -4.93
CA SER A 9 5.17 6.38 -6.18
C SER A 9 5.76 7.78 -5.99
N PRO A 10 7.10 7.91 -6.08
CA PRO A 10 7.77 9.20 -5.94
C PRO A 10 7.41 10.15 -7.08
N ASN A 11 6.78 9.61 -8.11
CA ASN A 11 6.36 10.37 -9.28
C ASN A 11 5.79 11.73 -8.89
N HIS A 12 5.77 12.65 -9.85
CA HIS A 12 5.25 14.00 -9.61
C HIS A 12 3.80 13.94 -9.17
N SER A 13 2.99 13.18 -9.92
CA SER A 13 1.58 13.01 -9.59
C SER A 13 1.37 11.84 -8.65
N GLU A 14 2.30 10.87 -8.72
CA GLU A 14 2.24 9.67 -7.88
C GLU A 14 0.84 9.08 -7.82
N VAL A 15 0.65 8.10 -6.94
CA VAL A 15 -0.64 7.46 -6.78
C VAL A 15 -0.96 7.26 -5.31
N GLY A 16 -1.92 8.02 -4.84
CA GLY A 16 -2.37 7.86 -3.49
C GLY A 16 -3.86 7.83 -3.52
N ILE A 17 -4.42 6.74 -3.14
CA ILE A 17 -5.85 6.66 -3.14
C ILE A 17 -6.32 5.54 -2.26
N LYS A 18 -7.62 5.40 -2.24
CA LYS A 18 -8.22 4.32 -1.50
C LYS A 18 -7.98 3.13 -2.41
N GLY A 19 -7.29 2.12 -1.90
CA GLY A 19 -6.93 1.00 -2.74
C GLY A 19 -6.94 -0.33 -2.04
N GLU A 20 -6.66 -1.35 -2.82
CA GLU A 20 -6.64 -2.72 -2.31
C GLU A 20 -5.22 -3.27 -2.24
N VAL A 21 -4.95 -4.11 -1.23
CA VAL A 21 -3.63 -4.72 -1.07
C VAL A 21 -3.70 -6.23 -1.03
N VAL A 22 -2.93 -6.86 -1.91
CA VAL A 22 -2.88 -8.31 -1.99
C VAL A 22 -1.43 -8.81 -1.94
N ASP A 23 -1.19 -9.84 -1.15
CA ASP A 23 0.15 -10.40 -1.01
C ASP A 23 0.42 -11.40 -2.12
N GLU A 24 1.35 -11.07 -3.01
CA GLU A 24 1.70 -11.95 -4.13
C GLU A 24 1.87 -13.39 -3.67
N THR A 25 2.59 -13.59 -2.58
CA THR A 25 2.83 -14.92 -2.04
C THR A 25 3.30 -14.85 -0.59
N GLN A 26 2.55 -14.09 0.22
CA GLN A 26 2.89 -13.93 1.63
C GLN A 26 4.29 -13.35 1.78
N ASN A 27 4.50 -12.17 1.20
CA ASN A 27 5.81 -11.52 1.27
C ASN A 27 5.76 -10.14 0.62
N THR A 28 5.72 -10.13 -0.71
CA THR A 28 5.65 -8.88 -1.45
C THR A 28 4.22 -8.34 -1.41
N LEU A 29 4.07 -7.03 -1.26
CA LEU A 29 2.75 -6.44 -1.19
C LEU A 29 2.48 -5.52 -2.37
N LYS A 30 1.40 -5.79 -3.09
CA LYS A 30 1.01 -4.98 -4.22
C LYS A 30 -0.20 -4.13 -3.85
N ILE A 31 -0.07 -2.82 -4.00
CA ILE A 31 -1.14 -1.91 -3.65
C ILE A 31 -1.56 -1.06 -4.84
N MET A 32 -2.86 -1.00 -5.10
CA MET A 32 -3.36 -0.19 -6.22
C MET A 32 -4.37 0.83 -5.70
N THR A 33 -4.15 2.14 -5.98
CA THR A 33 -5.08 3.15 -5.51
C THR A 33 -5.89 3.74 -6.67
N GLU A 34 -5.38 4.82 -7.28
CA GLU A 34 -6.10 5.44 -8.39
C GLU A 34 -5.19 5.66 -9.61
N LYS A 35 -4.12 6.42 -9.41
CA LYS A 35 -3.18 6.69 -10.51
C LYS A 35 -2.58 5.40 -11.06
N GLY A 36 -2.85 4.27 -10.39
CA GLY A 36 -2.33 3.00 -10.83
C GLY A 36 -1.96 2.08 -9.68
N LEU A 37 -1.23 1.03 -9.99
CA LEU A 37 -0.80 0.06 -8.98
C LEU A 37 0.71 -0.16 -9.04
N LYS A 38 1.32 -0.24 -7.87
CA LYS A 38 2.74 -0.47 -7.77
C LYS A 38 3.03 -1.58 -6.74
N VAL A 39 4.11 -2.32 -6.96
CA VAL A 39 4.47 -3.40 -6.05
C VAL A 39 5.76 -3.08 -5.31
N VAL A 40 5.71 -3.18 -3.99
CA VAL A 40 6.86 -2.90 -3.16
C VAL A 40 6.93 -3.84 -1.95
N ALA A 41 8.00 -3.70 -1.19
CA ALA A 41 8.20 -4.52 0.01
C ALA A 41 7.77 -3.75 1.25
N LYS A 42 7.82 -4.41 2.41
CA LYS A 42 7.43 -3.78 3.67
C LYS A 42 7.91 -2.34 3.75
N ARG A 43 9.04 -2.04 3.12
CA ARG A 43 9.59 -0.69 3.11
C ARG A 43 9.31 0.00 1.77
N GLY A 44 9.27 1.33 1.79
CA GLY A 44 9.02 2.10 0.59
C GLY A 44 7.71 2.86 0.66
N ARG A 45 7.77 4.16 0.34
CA ARG A 45 6.57 5.00 0.38
C ARG A 45 5.91 4.95 1.74
N THR A 46 4.72 5.55 1.87
CA THR A 46 4.01 5.53 3.14
C THR A 46 2.62 4.94 2.95
N PHE A 47 2.30 3.88 3.69
CA PHE A 47 0.99 3.27 3.56
C PHE A 47 0.38 2.95 4.94
N ARG A 48 -0.94 2.95 5.00
CA ARG A 48 -1.67 2.59 6.23
C ARG A 48 -2.62 1.45 5.89
N VAL A 49 -2.54 0.32 6.58
CA VAL A 49 -3.38 -0.81 6.22
C VAL A 49 -4.35 -1.28 7.30
N TRP A 50 -5.50 -1.75 6.82
CA TRP A 50 -6.57 -2.29 7.64
C TRP A 50 -6.93 -3.72 7.18
N TYR A 51 -6.88 -4.65 8.12
CA TYR A 51 -7.21 -6.05 7.85
C TYR A 51 -8.51 -6.43 8.53
N LYS A 52 -8.98 -7.64 8.30
CA LYS A 52 -10.21 -8.12 8.91
C LYS A 52 -9.98 -8.44 10.39
N GLY A 53 -9.60 -7.43 11.16
CA GLY A 53 -9.35 -7.64 12.57
C GLY A 53 -8.66 -6.47 13.23
N LYS A 54 -7.40 -6.24 12.87
CA LYS A 54 -6.62 -5.14 13.44
C LYS A 54 -6.08 -4.21 12.36
N ILE A 55 -5.56 -3.06 12.79
CA ILE A 55 -5.02 -2.07 11.87
C ILE A 55 -3.61 -1.65 12.28
N MET A 56 -2.73 -1.50 11.30
CA MET A 56 -1.35 -1.09 11.56
C MET A 56 -0.89 -0.04 10.55
N ARG A 57 0.17 0.69 10.89
CA ARG A 57 0.70 1.72 10.01
C ARG A 57 2.17 1.45 9.70
N ILE A 58 2.51 1.49 8.41
CA ILE A 58 3.89 1.25 7.99
C ILE A 58 4.45 2.41 7.17
N LYS A 59 5.58 2.95 7.61
CA LYS A 59 6.22 4.06 6.93
C LYS A 59 7.68 3.72 6.59
N GLY A 60 8.05 3.90 5.33
CA GLY A 60 9.41 3.60 4.91
C GLY A 60 10.33 4.81 5.00
N ASP A 61 11.62 4.54 5.19
CA ASP A 61 12.61 5.61 5.27
C ASP A 61 12.24 6.59 6.38
N GLY A 1 -9.15 -9.52 0.16
CA GLY A 1 -8.00 -9.39 1.04
C GLY A 1 -8.19 -8.33 2.10
N LEU A 2 -7.33 -7.32 2.09
CA LEU A 2 -7.42 -6.23 3.05
C LEU A 2 -7.60 -4.89 2.35
N MET A 3 -8.11 -3.90 3.09
CA MET A 3 -8.31 -2.57 2.54
C MET A 3 -7.30 -1.65 3.16
N VAL A 4 -6.51 -0.98 2.36
CA VAL A 4 -5.47 -0.13 2.90
C VAL A 4 -5.51 1.26 2.28
N GLU A 5 -5.26 2.29 3.09
CA GLU A 5 -5.18 3.62 2.52
C GLU A 5 -3.73 3.75 2.14
N VAL A 6 -3.44 4.01 0.87
CA VAL A 6 -2.04 4.03 0.47
C VAL A 6 -1.59 5.24 -0.30
N VAL A 7 -0.40 5.71 0.07
CA VAL A 7 0.24 6.77 -0.63
C VAL A 7 1.63 6.28 -1.06
N GLU A 8 1.82 6.24 -2.37
CA GLU A 8 3.06 5.80 -2.97
C GLU A 8 3.36 6.56 -4.26
N SER A 9 4.51 6.28 -4.85
CA SER A 9 4.94 6.92 -6.09
C SER A 9 5.08 8.43 -5.91
N PRO A 10 6.28 8.98 -6.15
CA PRO A 10 6.55 10.41 -6.02
C PRO A 10 6.19 11.19 -7.29
N ASN A 11 5.49 10.53 -8.21
CA ASN A 11 5.08 11.13 -9.47
C ASN A 11 4.49 12.53 -9.24
N HIS A 12 4.30 13.27 -10.33
CA HIS A 12 3.74 14.61 -10.25
C HIS A 12 2.38 14.57 -9.57
N SER A 13 1.60 13.54 -9.89
CA SER A 13 0.27 13.37 -9.30
C SER A 13 0.31 12.28 -8.24
N GLU A 14 1.25 11.35 -8.39
CA GLU A 14 1.40 10.26 -7.43
C GLU A 14 0.14 9.40 -7.37
N VAL A 15 0.22 8.28 -6.67
CA VAL A 15 -0.91 7.38 -6.51
C VAL A 15 -1.23 7.20 -5.05
N GLY A 16 -2.16 7.99 -4.56
CA GLY A 16 -2.59 7.84 -3.21
C GLY A 16 -4.09 7.86 -3.18
N ILE A 17 -4.65 6.77 -2.80
CA ILE A 17 -6.07 6.67 -2.73
C ILE A 17 -6.46 5.54 -1.85
N LYS A 18 -7.74 5.33 -1.80
CA LYS A 18 -8.24 4.20 -1.07
C LYS A 18 -7.93 3.03 -2.01
N GLY A 19 -7.16 2.07 -1.56
CA GLY A 19 -6.74 1.01 -2.45
C GLY A 19 -6.86 -0.37 -1.88
N GLU A 20 -6.55 -1.35 -2.72
CA GLU A 20 -6.61 -2.75 -2.32
C GLU A 20 -5.23 -3.34 -2.12
N VAL A 21 -5.08 -4.26 -1.14
CA VAL A 21 -3.78 -4.88 -0.88
C VAL A 21 -3.80 -6.39 -0.98
N VAL A 22 -2.92 -6.90 -1.81
CA VAL A 22 -2.75 -8.32 -2.02
C VAL A 22 -1.26 -8.67 -1.92
N ASP A 23 -0.98 -9.83 -1.34
CA ASP A 23 0.39 -10.29 -1.19
C ASP A 23 0.83 -11.07 -2.43
N GLU A 24 1.85 -10.56 -3.12
CA GLU A 24 2.37 -11.20 -4.32
C GLU A 24 2.51 -12.72 -4.14
N THR A 25 3.05 -13.11 -2.99
CA THR A 25 3.24 -14.52 -2.69
C THR A 25 3.50 -14.72 -1.19
N GLN A 26 2.70 -14.04 -0.37
CA GLN A 26 2.84 -14.14 1.08
C GLN A 26 4.22 -13.66 1.51
N ASN A 27 4.56 -12.43 1.16
CA ASN A 27 5.86 -11.85 1.50
C ASN A 27 5.91 -10.37 1.15
N THR A 28 5.84 -10.06 -0.14
CA THR A 28 5.87 -8.69 -0.60
C THR A 28 4.47 -8.09 -0.55
N LEU A 29 4.39 -6.76 -0.50
CA LEU A 29 3.09 -6.11 -0.44
C LEU A 29 2.82 -5.29 -1.70
N LYS A 30 1.71 -5.58 -2.36
CA LYS A 30 1.32 -4.88 -3.57
C LYS A 30 0.01 -4.13 -3.32
N ILE A 31 0.02 -2.81 -3.55
CA ILE A 31 -1.19 -2.02 -3.33
C ILE A 31 -1.51 -1.15 -4.53
N MET A 32 -2.79 -0.98 -4.80
CA MET A 32 -3.21 -0.16 -5.94
C MET A 32 -4.17 0.95 -5.49
N THR A 33 -3.87 2.21 -5.90
CA THR A 33 -4.74 3.33 -5.55
C THR A 33 -4.99 4.25 -6.76
N GLU A 34 -4.51 5.50 -6.72
CA GLU A 34 -4.76 6.47 -7.81
C GLU A 34 -4.12 6.06 -9.14
N LYS A 35 -2.88 6.47 -9.36
CA LYS A 35 -2.19 6.17 -10.63
C LYS A 35 -2.40 4.73 -11.05
N GLY A 36 -2.01 3.79 -10.19
CA GLY A 36 -2.18 2.39 -10.53
C GLY A 36 -1.67 1.45 -9.46
N LEU A 37 -0.96 0.41 -9.92
CA LEU A 37 -0.42 -0.62 -9.04
C LEU A 37 1.09 -0.44 -8.80
N LYS A 38 1.46 -0.41 -7.52
CA LYS A 38 2.85 -0.28 -7.12
C LYS A 38 3.20 -1.39 -6.13
N VAL A 39 4.39 -1.98 -6.29
CA VAL A 39 4.82 -3.06 -5.42
C VAL A 39 6.08 -2.70 -4.64
N VAL A 40 6.01 -2.86 -3.32
CA VAL A 40 7.15 -2.57 -2.44
C VAL A 40 7.25 -3.62 -1.34
N ALA A 41 8.39 -3.64 -0.65
CA ALA A 41 8.60 -4.60 0.43
C ALA A 41 8.93 -3.90 1.74
N LYS A 42 8.13 -4.18 2.77
CA LYS A 42 8.31 -3.62 4.12
C LYS A 42 9.05 -2.27 4.12
N ARG A 43 8.75 -1.42 3.15
CA ARG A 43 9.39 -0.11 3.06
C ARG A 43 8.92 0.68 1.84
N GLY A 44 9.61 1.77 1.54
CA GLY A 44 9.27 2.59 0.40
C GLY A 44 7.88 3.21 0.52
N ARG A 45 7.81 4.52 0.32
CA ARG A 45 6.54 5.23 0.39
C ARG A 45 5.88 5.06 1.75
N THR A 46 4.67 5.58 1.92
CA THR A 46 3.97 5.45 3.19
C THR A 46 2.61 4.79 2.98
N PHE A 47 2.38 3.69 3.68
CA PHE A 47 1.10 3.00 3.56
C PHE A 47 0.54 2.62 4.94
N ARG A 48 -0.78 2.62 5.08
CA ARG A 48 -1.43 2.23 6.33
C ARG A 48 -2.41 1.10 6.03
N VAL A 49 -2.24 -0.03 6.70
CA VAL A 49 -3.09 -1.20 6.44
C VAL A 49 -4.24 -1.35 7.44
N TRP A 50 -5.44 -1.44 6.91
CA TRP A 50 -6.64 -1.61 7.70
C TRP A 50 -7.45 -2.84 7.23
N TYR A 51 -7.73 -3.73 8.18
CA TYR A 51 -8.48 -4.95 7.89
C TYR A 51 -9.58 -5.16 8.91
N LYS A 52 -10.46 -6.11 8.63
CA LYS A 52 -11.58 -6.42 9.53
C LYS A 52 -11.06 -7.12 10.79
N GLY A 53 -10.21 -6.42 11.54
CA GLY A 53 -9.66 -6.98 12.75
C GLY A 53 -8.72 -6.03 13.46
N LYS A 54 -7.84 -5.37 12.72
CA LYS A 54 -6.89 -4.45 13.31
C LYS A 54 -6.29 -3.49 12.27
N ILE A 55 -5.69 -2.41 12.79
CA ILE A 55 -5.04 -1.41 11.95
C ILE A 55 -3.60 -1.16 12.39
N MET A 56 -2.67 -1.24 11.45
CA MET A 56 -1.25 -1.02 11.71
C MET A 56 -0.66 -0.05 10.69
N ARG A 57 0.26 0.79 11.11
CA ARG A 57 0.88 1.77 10.21
C ARG A 57 2.29 1.36 9.82
N ILE A 58 2.55 1.29 8.53
CA ILE A 58 3.87 0.91 8.03
C ILE A 58 4.43 1.99 7.09
N LYS A 59 5.62 2.49 7.40
CA LYS A 59 6.25 3.52 6.60
C LYS A 59 7.70 3.15 6.28
N GLY A 60 8.17 3.55 5.11
CA GLY A 60 9.54 3.26 4.73
C GLY A 60 10.49 4.36 5.13
N ASP A 61 11.79 4.11 4.98
CA ASP A 61 12.80 5.10 5.33
C ASP A 61 13.96 5.08 4.33
N GLY A 1 -9.99 -9.20 2.44
CA GLY A 1 -10.27 -8.53 3.70
C GLY A 1 -9.23 -7.46 4.04
N LEU A 2 -8.31 -7.21 3.12
CA LEU A 2 -7.27 -6.21 3.33
C LEU A 2 -7.68 -4.87 2.73
N MET A 3 -8.33 -4.04 3.55
CA MET A 3 -8.78 -2.72 3.11
C MET A 3 -7.84 -1.70 3.71
N VAL A 4 -7.24 -0.86 2.89
CA VAL A 4 -6.27 0.07 3.40
C VAL A 4 -6.30 1.43 2.71
N GLU A 5 -5.49 2.34 3.23
CA GLU A 5 -5.29 3.65 2.63
C GLU A 5 -3.82 3.66 2.24
N VAL A 6 -3.51 3.88 0.98
CA VAL A 6 -2.13 3.81 0.56
C VAL A 6 -1.63 5.02 -0.20
N VAL A 7 -0.48 5.52 0.22
CA VAL A 7 0.15 6.59 -0.49
C VAL A 7 1.56 6.17 -0.91
N GLU A 8 1.75 6.13 -2.22
CA GLU A 8 3.00 5.78 -2.83
C GLU A 8 3.15 6.53 -4.15
N SER A 9 4.29 6.37 -4.80
CA SER A 9 4.55 7.03 -6.08
C SER A 9 5.17 8.44 -5.96
N PRO A 10 5.15 9.14 -4.80
CA PRO A 10 5.79 10.45 -4.72
C PRO A 10 7.27 10.33 -5.00
N ASN A 11 7.76 9.11 -4.85
CA ASN A 11 9.15 8.78 -5.10
C ASN A 11 9.43 8.76 -6.61
N HIS A 12 8.36 8.70 -7.40
CA HIS A 12 8.50 8.69 -8.86
C HIS A 12 7.22 9.16 -9.55
N SER A 13 6.15 8.38 -9.43
CA SER A 13 4.87 8.71 -10.05
C SER A 13 3.93 9.42 -9.06
N GLU A 14 2.65 9.03 -9.05
CA GLU A 14 1.66 9.64 -8.16
C GLU A 14 0.42 8.76 -8.03
N VAL A 15 0.29 8.08 -6.90
CA VAL A 15 -0.85 7.20 -6.65
C VAL A 15 -1.12 7.11 -5.15
N GLY A 16 -2.03 7.95 -4.67
CA GLY A 16 -2.41 7.88 -3.29
C GLY A 16 -3.92 7.92 -3.23
N ILE A 17 -4.49 6.85 -2.78
CA ILE A 17 -5.93 6.77 -2.71
C ILE A 17 -6.33 5.67 -1.81
N LYS A 18 -7.61 5.48 -1.83
CA LYS A 18 -8.22 4.41 -1.06
C LYS A 18 -7.99 3.17 -1.92
N GLY A 19 -7.33 2.16 -1.36
CA GLY A 19 -7.01 1.00 -2.14
C GLY A 19 -7.06 -0.32 -1.41
N GLU A 20 -6.81 -1.37 -2.17
CA GLU A 20 -6.78 -2.73 -1.65
C GLU A 20 -5.35 -3.27 -1.63
N VAL A 21 -5.06 -4.14 -0.64
CA VAL A 21 -3.72 -4.72 -0.51
C VAL A 21 -3.73 -6.24 -0.52
N VAL A 22 -2.95 -6.83 -1.43
CA VAL A 22 -2.83 -8.27 -1.53
C VAL A 22 -1.36 -8.71 -1.50
N ASP A 23 -1.03 -9.67 -0.65
CA ASP A 23 0.34 -10.15 -0.54
C ASP A 23 0.62 -11.19 -1.61
N GLU A 24 1.49 -10.85 -2.56
CA GLU A 24 1.85 -11.76 -3.65
C GLU A 24 2.18 -13.15 -3.12
N THR A 25 3.11 -13.21 -2.17
CA THR A 25 3.51 -14.48 -1.59
C THR A 25 3.96 -14.28 -0.14
N GLN A 26 3.20 -13.50 0.60
CA GLN A 26 3.51 -13.23 2.00
C GLN A 26 4.88 -12.55 2.12
N ASN A 27 4.99 -11.35 1.56
CA ASN A 27 6.23 -10.59 1.61
C ASN A 27 6.07 -9.24 0.92
N THR A 28 6.18 -9.22 -0.41
CA THR A 28 5.99 -7.99 -1.16
C THR A 28 4.50 -7.71 -1.25
N LEU A 29 4.11 -6.45 -1.09
CA LEU A 29 2.68 -6.15 -1.12
C LEU A 29 2.30 -5.32 -2.33
N LYS A 30 1.35 -5.83 -3.11
CA LYS A 30 0.87 -5.10 -4.27
C LYS A 30 -0.35 -4.32 -3.84
N ILE A 31 -0.33 -3.01 -4.04
CA ILE A 31 -1.44 -2.18 -3.62
C ILE A 31 -1.93 -1.28 -4.73
N MET A 32 -3.25 -1.14 -4.83
CA MET A 32 -3.83 -0.26 -5.85
C MET A 32 -4.70 0.79 -5.17
N THR A 33 -4.46 2.08 -5.41
CA THR A 33 -5.27 3.10 -4.76
C THR A 33 -6.38 3.59 -5.67
N GLU A 34 -5.99 4.31 -6.72
CA GLU A 34 -6.94 4.85 -7.69
C GLU A 34 -6.19 5.50 -8.84
N LYS A 35 -5.11 6.24 -8.52
CA LYS A 35 -4.31 6.85 -9.56
C LYS A 35 -3.53 5.75 -10.28
N GLY A 36 -3.57 4.54 -9.72
CA GLY A 36 -2.89 3.40 -10.30
C GLY A 36 -2.55 2.33 -9.27
N LEU A 37 -1.91 1.27 -9.75
CA LEU A 37 -1.51 0.16 -8.90
C LEU A 37 -0.01 -0.10 -9.07
N LYS A 38 0.69 -0.26 -7.97
CA LYS A 38 2.12 -0.52 -8.01
C LYS A 38 2.55 -1.51 -6.94
N VAL A 39 3.82 -1.92 -7.01
CA VAL A 39 4.37 -2.85 -6.03
C VAL A 39 5.27 -2.13 -5.05
N VAL A 40 5.03 -2.37 -3.76
CA VAL A 40 5.79 -1.72 -2.71
C VAL A 40 6.26 -2.71 -1.64
N ALA A 41 7.30 -2.29 -0.92
CA ALA A 41 7.89 -3.07 0.15
C ALA A 41 8.36 -2.11 1.26
N LYS A 42 8.85 -2.67 2.35
CA LYS A 42 9.31 -1.87 3.49
C LYS A 42 10.43 -0.92 3.07
N ARG A 43 10.07 0.08 2.26
CA ARG A 43 11.04 1.07 1.77
C ARG A 43 10.40 2.46 1.67
N GLY A 44 11.03 3.36 0.93
CA GLY A 44 10.51 4.70 0.77
C GLY A 44 9.08 4.73 0.26
N ARG A 45 8.16 5.19 1.12
CA ARG A 45 6.74 5.29 0.81
C ARG A 45 5.94 5.15 2.09
N THR A 46 4.66 5.55 2.10
CA THR A 46 3.86 5.42 3.32
C THR A 46 2.60 4.60 3.07
N PHE A 47 2.43 3.52 3.82
CA PHE A 47 1.24 2.69 3.65
C PHE A 47 0.58 2.39 5.01
N ARG A 48 -0.74 2.42 5.03
CA ARG A 48 -1.51 2.11 6.25
C ARG A 48 -2.47 0.98 5.94
N VAL A 49 -2.45 -0.10 6.71
CA VAL A 49 -3.33 -1.24 6.42
C VAL A 49 -4.25 -1.65 7.57
N TRP A 50 -5.49 -1.97 7.20
CA TRP A 50 -6.52 -2.42 8.12
C TRP A 50 -7.07 -3.79 7.66
N TYR A 51 -7.01 -4.75 8.56
CA TYR A 51 -7.50 -6.10 8.26
C TYR A 51 -8.74 -6.40 9.10
N LYS A 52 -9.34 -7.56 8.85
CA LYS A 52 -10.54 -7.97 9.59
C LYS A 52 -10.15 -8.56 10.94
N GLY A 53 -9.47 -7.78 11.76
CA GLY A 53 -9.06 -8.24 13.07
C GLY A 53 -8.19 -7.24 13.80
N LYS A 54 -7.15 -6.75 13.13
CA LYS A 54 -6.24 -5.77 13.73
C LYS A 54 -5.82 -4.71 12.72
N ILE A 55 -5.28 -3.61 13.21
CA ILE A 55 -4.84 -2.52 12.36
C ILE A 55 -3.37 -2.16 12.62
N MET A 56 -2.60 -2.08 11.54
CA MET A 56 -1.17 -1.74 11.66
C MET A 56 -0.80 -0.65 10.66
N ARG A 57 0.16 0.20 11.04
CA ARG A 57 0.60 1.28 10.17
C ARG A 57 2.11 1.22 9.96
N ILE A 58 2.54 1.27 8.69
CA ILE A 58 3.96 1.22 8.37
C ILE A 58 4.39 2.42 7.54
N LYS A 59 5.38 3.15 8.03
CA LYS A 59 5.90 4.32 7.33
C LYS A 59 7.41 4.21 7.12
N GLY A 60 7.85 4.43 5.89
CA GLY A 60 9.27 4.35 5.60
C GLY A 60 9.82 5.67 5.08
N ASP A 61 10.87 6.16 5.74
CA ASP A 61 11.49 7.43 5.36
C ASP A 61 12.44 7.91 6.45
N GLY A 1 -9.44 -9.61 2.13
CA GLY A 1 -10.08 -8.64 3.00
C GLY A 1 -9.09 -7.63 3.58
N LEU A 2 -8.19 -7.14 2.75
CA LEU A 2 -7.20 -6.17 3.18
C LEU A 2 -7.42 -4.83 2.49
N MET A 3 -8.01 -3.89 3.24
CA MET A 3 -8.26 -2.55 2.70
C MET A 3 -7.29 -1.58 3.32
N VAL A 4 -6.53 -0.88 2.53
CA VAL A 4 -5.53 0.03 3.06
C VAL A 4 -5.57 1.40 2.40
N GLU A 5 -5.29 2.45 3.17
CA GLU A 5 -5.17 3.76 2.59
C GLU A 5 -3.71 3.80 2.21
N VAL A 6 -3.38 4.01 0.96
CA VAL A 6 -1.98 3.92 0.60
C VAL A 6 -1.42 5.13 -0.12
N VAL A 7 -0.24 5.54 0.36
CA VAL A 7 0.48 6.58 -0.30
C VAL A 7 1.85 6.03 -0.66
N GLU A 8 2.09 5.98 -1.95
CA GLU A 8 3.34 5.47 -2.51
C GLU A 8 3.71 6.19 -3.80
N SER A 9 4.87 5.83 -4.34
CA SER A 9 5.35 6.42 -5.58
C SER A 9 5.57 7.92 -5.45
N PRO A 10 6.82 8.38 -5.55
CA PRO A 10 7.15 9.80 -5.46
C PRO A 10 6.93 10.53 -6.78
N ASN A 11 6.29 9.84 -7.73
CA ASN A 11 6.01 10.38 -9.05
C ASN A 11 5.51 11.83 -8.97
N HIS A 12 5.58 12.53 -10.09
CA HIS A 12 5.13 13.93 -10.14
C HIS A 12 3.69 14.04 -9.67
N SER A 13 2.91 12.99 -9.90
CA SER A 13 1.52 12.95 -9.50
C SER A 13 1.33 12.10 -8.24
N GLU A 14 2.21 11.12 -8.07
CA GLU A 14 2.14 10.24 -6.91
C GLU A 14 0.82 9.47 -6.89
N VAL A 15 0.85 8.28 -6.29
CA VAL A 15 -0.36 7.45 -6.21
C VAL A 15 -0.76 7.29 -4.75
N GLY A 16 -1.69 8.12 -4.30
CA GLY A 16 -2.17 7.99 -2.96
C GLY A 16 -3.66 8.06 -3.00
N ILE A 17 -4.28 6.98 -2.65
CA ILE A 17 -5.70 6.93 -2.66
C ILE A 17 -6.20 5.83 -1.79
N LYS A 18 -7.49 5.71 -1.74
CA LYS A 18 -8.10 4.64 -1.00
C LYS A 18 -7.87 3.43 -1.90
N GLY A 19 -7.20 2.41 -1.41
CA GLY A 19 -6.88 1.30 -2.30
C GLY A 19 -6.91 -0.07 -1.69
N GLU A 20 -6.66 -1.05 -2.55
CA GLU A 20 -6.65 -2.45 -2.14
C GLU A 20 -5.21 -2.94 -1.98
N VAL A 21 -5.00 -3.85 -1.01
CA VAL A 21 -3.65 -4.37 -0.75
C VAL A 21 -3.57 -5.89 -0.83
N VAL A 22 -2.62 -6.36 -1.64
CA VAL A 22 -2.38 -7.79 -1.80
C VAL A 22 -0.90 -8.11 -1.57
N ASP A 23 -0.63 -9.13 -0.77
CA ASP A 23 0.74 -9.53 -0.46
C ASP A 23 1.22 -10.62 -1.41
N GLU A 24 2.11 -10.25 -2.33
CA GLU A 24 2.64 -11.20 -3.30
C GLU A 24 3.33 -12.37 -2.60
N THR A 25 2.57 -13.43 -2.35
CA THR A 25 3.11 -14.61 -1.68
C THR A 25 3.67 -14.26 -0.31
N GLN A 26 3.07 -13.27 0.32
CA GLN A 26 3.52 -12.82 1.64
C GLN A 26 4.98 -12.40 1.61
N ASN A 27 5.26 -11.34 0.86
CA ASN A 27 6.62 -10.82 0.73
C ASN A 27 6.62 -9.42 0.14
N THR A 28 6.41 -9.34 -1.17
CA THR A 28 6.35 -8.05 -1.85
C THR A 28 4.96 -7.47 -1.66
N LEU A 29 4.84 -6.15 -1.65
CA LEU A 29 3.53 -5.55 -1.45
C LEU A 29 3.06 -4.83 -2.71
N LYS A 30 1.89 -5.21 -3.19
CA LYS A 30 1.31 -4.58 -4.37
C LYS A 30 0.06 -3.83 -3.93
N ILE A 31 0.01 -2.54 -4.20
CA ILE A 31 -1.14 -1.75 -3.79
C ILE A 31 -1.67 -0.88 -4.91
N MET A 32 -2.98 -0.71 -4.99
CA MET A 32 -3.56 0.13 -6.02
C MET A 32 -4.42 1.22 -5.40
N THR A 33 -4.12 2.51 -5.71
CA THR A 33 -4.89 3.60 -5.14
C THR A 33 -5.33 4.61 -6.21
N GLU A 34 -4.53 5.66 -6.43
CA GLU A 34 -4.86 6.71 -7.38
C GLU A 34 -4.36 6.42 -8.80
N LYS A 35 -3.17 6.94 -9.13
CA LYS A 35 -2.58 6.76 -10.46
C LYS A 35 -2.84 5.37 -11.03
N GLY A 36 -2.94 4.38 -10.15
CA GLY A 36 -3.17 3.02 -10.58
C GLY A 36 -2.61 2.00 -9.63
N LEU A 37 -2.08 0.91 -10.17
CA LEU A 37 -1.50 -0.15 -9.37
C LEU A 37 0.02 -0.20 -9.53
N LYS A 38 0.71 -0.19 -8.41
CA LYS A 38 2.17 -0.23 -8.40
C LYS A 38 2.66 -1.29 -7.40
N VAL A 39 3.80 -1.90 -7.73
CA VAL A 39 4.39 -2.91 -6.87
C VAL A 39 5.74 -2.47 -6.32
N VAL A 40 5.86 -2.53 -5.00
CA VAL A 40 7.08 -2.14 -4.31
C VAL A 40 7.55 -3.22 -3.34
N ALA A 41 8.86 -3.43 -3.30
CA ALA A 41 9.46 -4.41 -2.42
C ALA A 41 10.53 -3.76 -1.53
N LYS A 42 10.39 -3.91 -0.22
CA LYS A 42 11.34 -3.35 0.73
C LYS A 42 11.44 -1.83 0.57
N ARG A 43 10.96 -1.11 1.58
CA ARG A 43 11.01 0.36 1.58
C ARG A 43 10.38 0.94 0.32
N GLY A 44 10.28 2.26 0.28
CA GLY A 44 9.72 2.94 -0.88
C GLY A 44 8.20 2.85 -0.93
N ARG A 45 7.55 3.12 0.19
CA ARG A 45 6.08 3.06 0.26
C ARG A 45 5.59 3.17 1.71
N THR A 46 4.69 4.11 1.96
CA THR A 46 4.14 4.29 3.29
C THR A 46 2.62 4.21 3.25
N PHE A 47 2.04 3.31 4.03
CA PHE A 47 0.59 3.16 4.05
C PHE A 47 0.06 2.82 5.46
N ARG A 48 -1.26 2.79 5.59
CA ARG A 48 -1.93 2.43 6.84
C ARG A 48 -2.89 1.27 6.52
N VAL A 49 -2.76 0.15 7.23
CA VAL A 49 -3.57 -1.01 6.91
C VAL A 49 -4.73 -1.29 7.87
N TRP A 50 -5.83 -1.71 7.25
CA TRP A 50 -7.06 -2.10 7.94
C TRP A 50 -7.45 -3.53 7.55
N TYR A 51 -7.61 -4.37 8.57
CA TYR A 51 -8.00 -5.77 8.37
C TYR A 51 -9.36 -6.01 9.00
N LYS A 52 -9.88 -7.21 8.81
CA LYS A 52 -11.17 -7.56 9.37
C LYS A 52 -11.03 -7.92 10.86
N GLY A 53 -10.47 -6.99 11.64
CA GLY A 53 -10.29 -7.23 13.05
C GLY A 53 -9.58 -6.08 13.76
N LYS A 54 -8.43 -5.68 13.24
CA LYS A 54 -7.65 -4.60 13.85
C LYS A 54 -6.99 -3.72 12.79
N ILE A 55 -6.52 -2.54 13.22
CA ILE A 55 -5.87 -1.59 12.33
C ILE A 55 -4.50 -1.18 12.87
N MET A 56 -3.49 -1.16 12.00
CA MET A 56 -2.14 -0.77 12.40
C MET A 56 -1.47 0.06 11.30
N ARG A 57 -0.33 0.67 11.63
CA ARG A 57 0.40 1.50 10.66
C ARG A 57 1.60 0.73 10.11
N ILE A 58 1.74 0.71 8.79
CA ILE A 58 2.86 0.00 8.17
C ILE A 58 3.67 0.90 7.25
N LYS A 59 4.97 0.98 7.51
CA LYS A 59 5.87 1.79 6.70
C LYS A 59 7.08 0.97 6.25
N GLY A 60 7.50 1.17 5.02
CA GLY A 60 8.64 0.44 4.50
C GLY A 60 9.95 0.95 5.09
N ASP A 61 10.72 0.03 5.69
CA ASP A 61 11.99 0.40 6.30
C ASP A 61 12.85 -0.85 6.58
N GLY A 1 -9.54 -9.46 3.62
CA GLY A 1 -10.04 -8.21 4.19
C GLY A 1 -8.96 -7.16 4.29
N LEU A 2 -8.18 -7.00 3.23
CA LEU A 2 -7.10 -6.02 3.20
C LEU A 2 -7.56 -4.72 2.55
N MET A 3 -8.30 -3.92 3.32
CA MET A 3 -8.80 -2.63 2.84
C MET A 3 -7.93 -1.55 3.43
N VAL A 4 -7.38 -0.67 2.61
CA VAL A 4 -6.48 0.33 3.14
C VAL A 4 -6.62 1.68 2.46
N GLU A 5 -5.89 2.65 2.99
CA GLU A 5 -5.79 3.96 2.38
C GLU A 5 -4.31 4.13 2.11
N VAL A 6 -3.92 4.35 0.87
CA VAL A 6 -2.50 4.42 0.58
C VAL A 6 -2.03 5.58 -0.25
N VAL A 7 -0.84 6.06 0.12
CA VAL A 7 -0.19 7.09 -0.64
C VAL A 7 1.19 6.55 -1.03
N GLU A 8 1.40 6.45 -2.32
CA GLU A 8 2.64 5.97 -2.89
C GLU A 8 2.89 6.65 -4.22
N SER A 9 4.06 6.38 -4.79
CA SER A 9 4.46 6.96 -6.06
C SER A 9 3.94 8.40 -6.23
N PRO A 10 3.98 9.24 -5.17
CA PRO A 10 3.56 10.62 -5.24
C PRO A 10 4.77 11.52 -5.39
N ASN A 11 5.91 10.86 -5.55
CA ASN A 11 7.20 11.52 -5.68
C ASN A 11 7.70 11.40 -7.12
N HIS A 12 7.29 10.34 -7.79
CA HIS A 12 7.69 10.10 -9.17
C HIS A 12 6.49 10.28 -10.10
N SER A 13 5.35 9.73 -9.69
CA SER A 13 4.12 9.82 -10.47
C SER A 13 3.00 10.41 -9.61
N GLU A 14 2.08 9.57 -9.13
CA GLU A 14 0.99 10.02 -8.28
C GLU A 14 -0.08 8.94 -8.12
N VAL A 15 0.07 8.08 -7.12
CA VAL A 15 -0.91 7.02 -6.87
C VAL A 15 -1.30 7.02 -5.41
N GLY A 16 -2.22 7.89 -5.03
CA GLY A 16 -2.68 7.89 -3.67
C GLY A 16 -4.17 7.94 -3.66
N ILE A 17 -4.78 6.90 -3.21
CA ILE A 17 -6.20 6.86 -3.14
C ILE A 17 -6.63 5.80 -2.19
N LYS A 18 -7.93 5.64 -2.15
CA LYS A 18 -8.48 4.59 -1.34
C LYS A 18 -8.15 3.35 -2.17
N GLY A 19 -7.42 2.41 -1.60
CA GLY A 19 -6.99 1.27 -2.38
C GLY A 19 -7.01 -0.04 -1.66
N GLU A 20 -6.66 -1.08 -2.42
CA GLU A 20 -6.64 -2.44 -1.89
C GLU A 20 -5.20 -2.96 -1.80
N VAL A 21 -4.90 -3.76 -0.75
CA VAL A 21 -3.56 -4.30 -0.58
C VAL A 21 -3.55 -5.82 -0.50
N VAL A 22 -2.74 -6.42 -1.37
CA VAL A 22 -2.59 -7.86 -1.40
C VAL A 22 -1.12 -8.25 -1.35
N ASP A 23 -0.80 -9.25 -0.55
CA ASP A 23 0.58 -9.71 -0.40
C ASP A 23 0.94 -10.70 -1.51
N GLU A 24 1.76 -10.26 -2.46
CA GLU A 24 2.17 -11.10 -3.57
C GLU A 24 2.82 -12.39 -3.07
N THR A 25 2.02 -13.45 -2.98
CA THR A 25 2.51 -14.75 -2.53
C THR A 25 3.19 -14.64 -1.17
N GLN A 26 2.69 -13.72 -0.34
CA GLN A 26 3.25 -13.51 0.99
C GLN A 26 4.74 -13.16 0.92
N ASN A 27 5.02 -11.97 0.41
CA ASN A 27 6.41 -11.50 0.28
C ASN A 27 6.45 -9.99 0.01
N THR A 28 6.22 -9.62 -1.25
CA THR A 28 6.21 -8.22 -1.63
C THR A 28 4.82 -7.63 -1.40
N LEU A 29 4.73 -6.32 -1.30
CA LEU A 29 3.44 -5.68 -1.06
C LEU A 29 2.94 -4.97 -2.31
N LYS A 30 1.75 -5.33 -2.76
CA LYS A 30 1.15 -4.72 -3.93
C LYS A 30 -0.02 -3.85 -3.51
N ILE A 31 0.00 -2.57 -3.89
CA ILE A 31 -1.06 -1.66 -3.52
C ILE A 31 -1.61 -0.95 -4.74
N MET A 32 -2.94 -0.85 -4.83
CA MET A 32 -3.55 -0.18 -5.97
C MET A 32 -4.44 0.97 -5.51
N THR A 33 -4.16 2.19 -6.03
CA THR A 33 -4.93 3.37 -5.67
C THR A 33 -5.29 4.21 -6.92
N GLU A 34 -4.59 5.34 -7.11
CA GLU A 34 -4.88 6.24 -8.25
C GLU A 34 -4.28 5.76 -9.57
N LYS A 35 -3.02 6.11 -9.81
CA LYS A 35 -2.36 5.73 -11.07
C LYS A 35 -2.64 4.28 -11.46
N GLY A 36 -2.88 3.44 -10.46
CA GLY A 36 -3.17 2.05 -10.74
C GLY A 36 -2.49 1.10 -9.76
N LEU A 37 -1.85 0.08 -10.31
CA LEU A 37 -1.16 -0.92 -9.52
C LEU A 37 0.34 -0.65 -9.44
N LYS A 38 0.84 -0.57 -8.21
CA LYS A 38 2.26 -0.33 -7.97
C LYS A 38 2.81 -1.39 -7.01
N VAL A 39 4.00 -1.89 -7.32
CA VAL A 39 4.64 -2.91 -6.49
C VAL A 39 5.84 -2.34 -5.73
N VAL A 40 5.84 -2.57 -4.42
CA VAL A 40 6.91 -2.10 -3.56
C VAL A 40 7.46 -3.24 -2.70
N ALA A 41 8.78 -3.27 -2.57
CA ALA A 41 9.44 -4.31 -1.77
C ALA A 41 10.37 -3.67 -0.75
N LYS A 42 10.27 -4.12 0.50
CA LYS A 42 11.10 -3.59 1.58
C LYS A 42 10.83 -2.11 1.80
N ARG A 43 9.70 -1.80 2.43
CA ARG A 43 9.33 -0.43 2.72
C ARG A 43 9.15 0.38 1.43
N GLY A 44 8.83 1.66 1.58
CA GLY A 44 8.63 2.52 0.43
C GLY A 44 7.29 3.23 0.47
N ARG A 45 7.32 4.56 0.43
CA ARG A 45 6.09 5.35 0.47
C ARG A 45 5.42 5.23 1.84
N THR A 46 4.22 5.77 1.97
CA THR A 46 3.50 5.70 3.25
C THR A 46 2.13 5.08 3.05
N PHE A 47 1.84 4.00 3.78
CA PHE A 47 0.54 3.35 3.64
C PHE A 47 -0.08 3.02 5.01
N ARG A 48 -1.40 2.95 5.04
CA ARG A 48 -2.14 2.60 6.26
C ARG A 48 -3.01 1.39 5.95
N VAL A 49 -2.88 0.32 6.73
CA VAL A 49 -3.64 -0.90 6.46
C VAL A 49 -4.66 -1.27 7.54
N TRP A 50 -5.83 -1.69 7.08
CA TRP A 50 -6.92 -2.14 7.93
C TRP A 50 -7.34 -3.56 7.53
N TYR A 51 -7.33 -4.45 8.52
CA TYR A 51 -7.70 -5.85 8.31
C TYR A 51 -9.03 -6.15 9.01
N LYS A 52 -9.53 -7.35 8.82
CA LYS A 52 -10.78 -7.76 9.44
C LYS A 52 -10.55 -8.15 10.91
N GLY A 53 -10.02 -7.20 11.69
CA GLY A 53 -9.76 -7.46 13.09
C GLY A 53 -9.02 -6.32 13.78
N LYS A 54 -7.87 -5.95 13.24
CA LYS A 54 -7.07 -4.87 13.82
C LYS A 54 -6.59 -3.88 12.76
N ILE A 55 -6.15 -2.71 13.21
CA ILE A 55 -5.68 -1.67 12.31
C ILE A 55 -4.26 -1.22 12.68
N MET A 56 -3.37 -1.19 11.68
CA MET A 56 -1.99 -0.78 11.91
C MET A 56 -1.51 0.16 10.80
N ARG A 57 -0.48 0.94 11.09
CA ARG A 57 0.07 1.88 10.12
C ARG A 57 1.53 1.57 9.83
N ILE A 58 1.90 1.55 8.55
CA ILE A 58 3.27 1.25 8.16
C ILE A 58 3.85 2.34 7.25
N LYS A 59 5.07 2.77 7.56
CA LYS A 59 5.73 3.80 6.77
C LYS A 59 7.16 3.37 6.44
N GLY A 60 7.63 3.76 5.25
CA GLY A 60 8.98 3.40 4.83
C GLY A 60 10.03 4.31 5.44
N ASP A 61 11.19 3.74 5.72
CA ASP A 61 12.30 4.49 6.32
C ASP A 61 13.46 4.61 5.34
N GLY A 1 -9.13 -9.84 1.99
CA GLY A 1 -9.89 -8.63 2.29
C GLY A 1 -9.03 -7.53 2.89
N LEU A 2 -7.96 -7.16 2.20
CA LEU A 2 -7.08 -6.11 2.68
C LEU A 2 -7.49 -4.76 2.10
N MET A 3 -8.18 -3.97 2.91
CA MET A 3 -8.63 -2.64 2.49
C MET A 3 -7.73 -1.61 3.13
N VAL A 4 -7.14 -0.72 2.35
CA VAL A 4 -6.21 0.22 2.92
C VAL A 4 -6.26 1.59 2.28
N GLU A 5 -5.50 2.51 2.85
CA GLU A 5 -5.32 3.83 2.29
C GLU A 5 -3.84 3.92 1.99
N VAL A 6 -3.47 4.15 0.74
CA VAL A 6 -2.06 4.14 0.42
C VAL A 6 -1.56 5.33 -0.37
N VAL A 7 -0.35 5.76 0.00
CA VAL A 7 0.34 6.80 -0.72
C VAL A 7 1.72 6.26 -1.12
N GLU A 8 1.92 6.20 -2.42
CA GLU A 8 3.17 5.71 -3.00
C GLU A 8 3.50 6.45 -4.30
N SER A 9 4.66 6.13 -4.87
CA SER A 9 5.11 6.75 -6.11
C SER A 9 5.35 8.25 -5.93
N PRO A 10 6.62 8.68 -5.85
CA PRO A 10 6.99 10.09 -5.69
C PRO A 10 6.62 10.92 -6.93
N ASN A 11 6.15 10.22 -7.98
CA ASN A 11 5.77 10.87 -9.23
C ASN A 11 5.06 12.21 -8.99
N HIS A 12 5.07 13.07 -10.01
CA HIS A 12 4.44 14.38 -9.92
C HIS A 12 3.00 14.26 -9.42
N SER A 13 2.23 13.39 -10.06
CA SER A 13 0.83 13.19 -9.68
C SER A 13 0.74 12.27 -8.48
N GLU A 14 1.66 11.29 -8.40
CA GLU A 14 1.68 10.36 -7.29
C GLU A 14 0.40 9.52 -7.26
N VAL A 15 0.51 8.28 -6.78
CA VAL A 15 -0.65 7.41 -6.68
C VAL A 15 -0.99 7.19 -5.23
N GLY A 16 -1.87 8.01 -4.74
CA GLY A 16 -2.32 7.88 -3.39
C GLY A 16 -3.81 8.01 -3.35
N ILE A 17 -4.46 6.96 -2.99
CA ILE A 17 -5.87 6.98 -2.88
C ILE A 17 -6.33 5.81 -2.08
N LYS A 18 -7.62 5.67 -2.03
CA LYS A 18 -8.20 4.54 -1.35
C LYS A 18 -7.91 3.37 -2.28
N GLY A 19 -7.23 2.35 -1.78
CA GLY A 19 -6.85 1.25 -2.63
C GLY A 19 -6.87 -0.10 -1.96
N GLU A 20 -6.57 -1.12 -2.76
CA GLU A 20 -6.55 -2.50 -2.28
C GLU A 20 -5.13 -3.05 -2.24
N VAL A 21 -4.88 -3.95 -1.29
CA VAL A 21 -3.54 -4.54 -1.15
C VAL A 21 -3.58 -6.07 -1.12
N VAL A 22 -2.61 -6.66 -1.81
CA VAL A 22 -2.48 -8.11 -1.88
C VAL A 22 -1.06 -8.53 -1.47
N ASP A 23 -0.97 -9.51 -0.58
CA ASP A 23 0.32 -10.00 -0.10
C ASP A 23 0.97 -8.99 0.82
N GLU A 24 0.45 -8.90 2.05
CA GLU A 24 0.97 -7.97 3.04
C GLU A 24 2.10 -8.61 3.85
N THR A 25 1.75 -9.65 4.61
CA THR A 25 2.73 -10.36 5.43
C THR A 25 3.12 -11.68 4.79
N GLN A 26 2.98 -11.77 3.47
CA GLN A 26 3.32 -12.99 2.74
C GLN A 26 4.69 -12.85 2.09
N ASN A 27 4.74 -12.15 0.96
CA ASN A 27 6.00 -11.93 0.26
C ASN A 27 6.11 -10.47 -0.21
N THR A 28 5.94 -10.23 -1.51
CA THR A 28 5.99 -8.87 -2.02
C THR A 28 4.64 -8.21 -1.82
N LEU A 29 4.62 -6.89 -1.68
CA LEU A 29 3.36 -6.19 -1.46
C LEU A 29 2.94 -5.42 -2.70
N LYS A 30 1.74 -5.69 -3.18
CA LYS A 30 1.21 -4.98 -4.35
C LYS A 30 0.09 -4.06 -3.90
N ILE A 31 0.24 -2.78 -4.19
CA ILE A 31 -0.78 -1.81 -3.79
C ILE A 31 -1.29 -1.00 -4.97
N MET A 32 -2.60 -0.93 -5.12
CA MET A 32 -3.17 -0.16 -6.23
C MET A 32 -4.15 0.89 -5.69
N THR A 33 -3.93 2.19 -6.03
CA THR A 33 -4.81 3.22 -5.55
C THR A 33 -5.62 3.82 -6.70
N GLU A 34 -5.11 4.89 -7.31
CA GLU A 34 -5.82 5.54 -8.40
C GLU A 34 -4.92 5.73 -9.62
N LYS A 35 -3.80 6.43 -9.44
CA LYS A 35 -2.88 6.65 -10.56
C LYS A 35 -2.47 5.32 -11.17
N GLY A 36 -2.70 4.22 -10.45
CA GLY A 36 -2.34 2.91 -10.95
C GLY A 36 -1.97 1.93 -9.86
N LEU A 37 -1.29 0.86 -10.26
CA LEU A 37 -0.86 -0.18 -9.35
C LEU A 37 0.66 -0.34 -9.41
N LYS A 38 1.30 -0.23 -8.26
CA LYS A 38 2.75 -0.38 -8.17
C LYS A 38 3.13 -1.48 -7.19
N VAL A 39 4.31 -2.07 -7.40
CA VAL A 39 4.79 -3.15 -6.54
C VAL A 39 6.03 -2.72 -5.77
N VAL A 40 5.98 -2.90 -4.45
CA VAL A 40 7.09 -2.53 -3.58
C VAL A 40 7.25 -3.53 -2.43
N ALA A 41 8.29 -3.33 -1.64
CA ALA A 41 8.57 -4.19 -0.49
C ALA A 41 8.41 -3.41 0.80
N LYS A 42 8.54 -4.09 1.93
CA LYS A 42 8.41 -3.45 3.24
C LYS A 42 9.58 -2.51 3.50
N ARG A 43 9.64 -1.42 2.73
CA ARG A 43 10.71 -0.42 2.88
C ARG A 43 10.64 0.61 1.77
N GLY A 44 9.65 1.49 1.83
CA GLY A 44 9.49 2.52 0.82
C GLY A 44 8.08 3.10 0.79
N ARG A 45 7.97 4.39 0.51
CA ARG A 45 6.66 5.04 0.46
C ARG A 45 5.95 4.89 1.80
N THR A 46 4.72 5.40 1.89
CA THR A 46 3.96 5.29 3.14
C THR A 46 2.61 4.61 2.90
N PHE A 47 2.34 3.54 3.62
CA PHE A 47 1.07 2.84 3.46
C PHE A 47 0.42 2.54 4.82
N ARG A 48 -0.91 2.55 4.85
CA ARG A 48 -1.67 2.24 6.06
C ARG A 48 -2.63 1.10 5.73
N VAL A 49 -2.58 -0.01 6.47
CA VAL A 49 -3.43 -1.15 6.14
C VAL A 49 -4.43 -1.56 7.24
N TRP A 50 -5.63 -1.92 6.77
CA TRP A 50 -6.72 -2.40 7.61
C TRP A 50 -7.19 -3.78 7.13
N TYR A 51 -7.17 -4.74 8.05
CA TYR A 51 -7.59 -6.11 7.76
C TYR A 51 -8.71 -6.53 8.71
N LYS A 52 -9.25 -7.72 8.51
CA LYS A 52 -10.33 -8.22 9.35
C LYS A 52 -9.79 -8.78 10.68
N GLY A 53 -8.49 -8.60 10.91
CA GLY A 53 -7.89 -9.09 12.14
C GLY A 53 -7.33 -7.98 13.01
N LYS A 54 -6.85 -6.92 12.38
CA LYS A 54 -6.28 -5.79 13.11
C LYS A 54 -5.80 -4.71 12.14
N ILE A 55 -5.17 -3.66 12.68
CA ILE A 55 -4.65 -2.58 11.86
C ILE A 55 -3.16 -2.35 12.11
N MET A 56 -2.42 -2.17 11.02
CA MET A 56 -0.97 -1.94 11.12
C MET A 56 -0.55 -0.80 10.20
N ARG A 57 0.59 -0.18 10.51
CA ARG A 57 1.11 0.92 9.71
C ARG A 57 2.55 0.66 9.29
N ILE A 58 2.86 0.90 8.02
CA ILE A 58 4.21 0.69 7.51
C ILE A 58 4.77 1.95 6.87
N LYS A 59 5.93 2.40 7.35
CA LYS A 59 6.57 3.59 6.82
C LYS A 59 8.01 3.30 6.38
N GLY A 60 8.35 3.69 5.16
CA GLY A 60 9.70 3.46 4.66
C GLY A 60 10.41 4.76 4.32
N ASP A 61 11.73 4.70 4.24
CA ASP A 61 12.54 5.87 3.92
C ASP A 61 14.01 5.51 3.80
N GLY A 1 -10.86 -8.09 1.20
CA GLY A 1 -9.99 -8.57 2.26
C GLY A 1 -9.33 -7.45 3.03
N LEU A 2 -8.19 -6.97 2.52
CA LEU A 2 -7.46 -5.88 3.18
C LEU A 2 -7.82 -4.55 2.53
N MET A 3 -8.49 -3.68 3.30
CA MET A 3 -8.88 -2.36 2.81
C MET A 3 -7.96 -1.34 3.44
N VAL A 4 -7.34 -0.49 2.64
CA VAL A 4 -6.40 0.46 3.19
C VAL A 4 -6.44 1.81 2.48
N GLU A 5 -5.66 2.74 3.00
CA GLU A 5 -5.50 4.04 2.37
C GLU A 5 -4.01 4.15 2.09
N VAL A 6 -3.63 4.34 0.84
CA VAL A 6 -2.19 4.33 0.53
C VAL A 6 -1.69 5.50 -0.28
N VAL A 7 -0.48 5.92 0.09
CA VAL A 7 0.21 6.95 -0.65
C VAL A 7 1.59 6.39 -1.05
N GLU A 8 1.81 6.32 -2.35
CA GLU A 8 3.05 5.80 -2.90
C GLU A 8 3.41 6.52 -4.20
N SER A 9 4.58 6.16 -4.73
CA SER A 9 5.08 6.76 -5.97
C SER A 9 5.12 8.28 -5.89
N PRO A 10 6.32 8.86 -5.69
CA PRO A 10 6.49 10.31 -5.62
C PRO A 10 6.28 10.96 -6.99
N ASN A 11 6.05 10.13 -8.01
CA ASN A 11 5.83 10.57 -9.38
C ASN A 11 5.06 11.89 -9.44
N HIS A 12 5.25 12.63 -10.54
CA HIS A 12 4.56 13.91 -10.73
C HIS A 12 3.08 13.75 -10.40
N SER A 13 2.54 12.58 -10.74
CA SER A 13 1.14 12.27 -10.48
C SER A 13 1.06 11.16 -9.44
N GLU A 14 1.48 11.48 -8.22
CA GLU A 14 1.48 10.51 -7.12
C GLU A 14 0.25 9.61 -7.15
N VAL A 15 0.43 8.37 -6.70
CA VAL A 15 -0.64 7.39 -6.65
C VAL A 15 -1.06 7.23 -5.20
N GLY A 16 -1.93 8.08 -4.73
CA GLY A 16 -2.39 7.96 -3.38
C GLY A 16 -3.88 8.11 -3.36
N ILE A 17 -4.53 7.07 -2.98
CA ILE A 17 -5.95 7.09 -2.89
C ILE A 17 -6.42 5.96 -2.05
N LYS A 18 -7.70 5.85 -2.00
CA LYS A 18 -8.31 4.75 -1.29
C LYS A 18 -8.00 3.54 -2.15
N GLY A 19 -7.33 2.56 -1.59
CA GLY A 19 -6.92 1.41 -2.37
C GLY A 19 -6.97 0.09 -1.64
N GLU A 20 -6.65 -0.96 -2.38
CA GLU A 20 -6.64 -2.31 -1.82
C GLU A 20 -5.22 -2.85 -1.68
N VAL A 21 -5.01 -3.72 -0.68
CA VAL A 21 -3.68 -4.30 -0.46
C VAL A 21 -3.70 -5.82 -0.50
N VAL A 22 -2.85 -6.35 -1.37
CA VAL A 22 -2.70 -7.79 -1.52
C VAL A 22 -1.22 -8.19 -1.44
N ASP A 23 -0.96 -9.27 -0.73
CA ASP A 23 0.40 -9.77 -0.57
C ASP A 23 0.79 -10.68 -1.72
N GLU A 24 1.81 -10.29 -2.47
CA GLU A 24 2.27 -11.07 -3.62
C GLU A 24 2.67 -12.47 -3.19
N THR A 25 1.77 -13.43 -3.39
CA THR A 25 2.01 -14.83 -3.03
C THR A 25 2.64 -14.94 -1.64
N GLN A 26 2.18 -14.09 -0.72
CA GLN A 26 2.69 -14.10 0.65
C GLN A 26 4.19 -13.84 0.66
N ASN A 27 4.59 -12.63 0.30
CA ASN A 27 5.99 -12.26 0.27
C ASN A 27 6.15 -10.74 0.15
N THR A 28 5.99 -10.23 -1.06
CA THR A 28 6.09 -8.80 -1.30
C THR A 28 4.74 -8.13 -1.08
N LEU A 29 4.74 -6.82 -0.93
CA LEU A 29 3.49 -6.10 -0.70
C LEU A 29 3.15 -5.23 -1.91
N LYS A 30 1.95 -5.44 -2.45
CA LYS A 30 1.50 -4.66 -3.60
C LYS A 30 0.21 -3.93 -3.25
N ILE A 31 0.22 -2.61 -3.43
CA ILE A 31 -0.96 -1.81 -3.11
C ILE A 31 -1.35 -0.92 -4.28
N MET A 32 -2.64 -0.83 -4.56
CA MET A 32 -3.09 -0.01 -5.69
C MET A 32 -4.13 1.02 -5.23
N THR A 33 -3.92 2.30 -5.59
CA THR A 33 -4.84 3.34 -5.22
C THR A 33 -5.67 3.78 -6.43
N GLU A 34 -5.23 4.83 -7.13
CA GLU A 34 -5.97 5.33 -8.28
C GLU A 34 -5.06 5.57 -9.48
N LYS A 35 -4.03 6.42 -9.30
CA LYS A 35 -3.13 6.70 -10.40
C LYS A 35 -2.48 5.40 -10.91
N GLY A 36 -2.54 4.36 -10.07
CA GLY A 36 -1.97 3.08 -10.45
C GLY A 36 -1.65 2.21 -9.25
N LEU A 37 -0.82 1.20 -9.48
CA LEU A 37 -0.42 0.28 -8.43
C LEU A 37 1.09 0.16 -8.38
N LYS A 38 1.63 0.12 -7.16
CA LYS A 38 3.06 -0.01 -6.96
C LYS A 38 3.37 -1.20 -6.06
N VAL A 39 4.49 -1.87 -6.34
CA VAL A 39 4.90 -3.03 -5.56
C VAL A 39 6.29 -2.83 -4.96
N VAL A 40 6.40 -3.03 -3.67
CA VAL A 40 7.67 -2.88 -2.97
C VAL A 40 7.87 -3.99 -1.93
N ALA A 41 9.12 -4.15 -1.49
CA ALA A 41 9.45 -5.16 -0.50
C ALA A 41 10.23 -4.56 0.66
N LYS A 42 9.95 -5.02 1.87
CA LYS A 42 10.64 -4.52 3.06
C LYS A 42 10.15 -3.12 3.43
N ARG A 43 10.49 -2.14 2.59
CA ARG A 43 10.09 -0.76 2.84
C ARG A 43 9.94 0.03 1.54
N GLY A 44 9.15 1.09 1.58
CA GLY A 44 8.92 1.92 0.40
C GLY A 44 7.60 2.66 0.45
N ARG A 45 7.66 3.98 0.31
CA ARG A 45 6.46 4.81 0.34
C ARG A 45 5.79 4.73 1.71
N THR A 46 4.62 5.36 1.86
CA THR A 46 3.92 5.31 3.14
C THR A 46 2.50 4.79 2.95
N PHE A 47 2.15 3.73 3.65
CA PHE A 47 0.82 3.17 3.54
C PHE A 47 0.22 2.82 4.91
N ARG A 48 -1.10 2.83 5.00
CA ARG A 48 -1.82 2.48 6.23
C ARG A 48 -2.80 1.37 5.91
N VAL A 49 -2.77 0.27 6.67
CA VAL A 49 -3.64 -0.87 6.37
C VAL A 49 -4.63 -1.23 7.48
N TRP A 50 -5.85 -1.58 7.05
CA TRP A 50 -6.93 -2.00 7.93
C TRP A 50 -7.48 -3.35 7.48
N TYR A 51 -7.55 -4.29 8.43
CA TYR A 51 -8.06 -5.63 8.14
C TYR A 51 -9.18 -5.99 9.12
N LYS A 52 -9.96 -7.01 8.78
CA LYS A 52 -11.06 -7.46 9.62
C LYS A 52 -10.53 -8.13 10.89
N GLY A 53 -9.87 -7.34 11.73
CA GLY A 53 -9.32 -7.87 12.97
C GLY A 53 -8.49 -6.85 13.73
N LYS A 54 -7.65 -6.10 12.99
CA LYS A 54 -6.80 -5.10 13.62
C LYS A 54 -6.30 -4.09 12.57
N ILE A 55 -5.68 -3.02 13.06
CA ILE A 55 -5.15 -1.98 12.17
C ILE A 55 -3.68 -1.70 12.48
N MET A 56 -2.88 -1.58 11.43
CA MET A 56 -1.45 -1.31 11.58
C MET A 56 -0.99 -0.25 10.57
N ARG A 57 0.15 0.37 10.86
CA ARG A 57 0.70 1.40 9.98
C ARG A 57 2.12 1.02 9.54
N ILE A 58 2.40 1.17 8.26
CA ILE A 58 3.73 0.85 7.73
C ILE A 58 4.36 2.04 7.01
N LYS A 59 5.55 2.41 7.45
CA LYS A 59 6.28 3.53 6.84
C LYS A 59 7.67 3.08 6.40
N GLY A 60 7.99 3.33 5.13
CA GLY A 60 9.28 2.94 4.61
C GLY A 60 10.37 3.94 4.94
N ASP A 61 11.45 3.47 5.56
CA ASP A 61 12.56 4.33 5.93
C ASP A 61 13.42 4.65 4.71
#